data_6WGM
#
_entry.id   6WGM
#
_cell.length_a   56.251
_cell.length_b   56.251
_cell.length_c   193.919
_cell.angle_alpha   90.000
_cell.angle_beta   90.000
_cell.angle_gamma   120.000
#
_symmetry.space_group_name_H-M   'P 61'
#
loop_
_entity.id
_entity.type
_entity.pdbx_description
1 polymer 'TRAP-type C4-dicarboxylate transport system, periplasmic component'
2 non-polymer 'PYROGLUTAMIC ACID'
3 non-polymer 1,2-ETHANEDIOL
4 non-polymer 'CHLORIDE ION'
5 non-polymer 'FORMIC ACID'
6 water water
#
_entity_poly.entity_id   1
_entity_poly.type   'polypeptide(L)'
_entity_poly.pdbx_seq_one_letter_code
;MHHHHHHSSGVDLGTENLYFQSMKWDMPMAYAATNFHSEHGVIFADKVKAYTGGKLEITTHPGGSLFKGGEIKRAVQTGQ
APIGERFMSAHANEAPLLGWDNLPFLATSYEDNDKLWAAAKDKVNAQLADLNLVALYTCPWPGQGFYFKKEVTSSADTQG
IKFRSYNSATATFAKELGMLPVQVEAAELSQALATGVAEAFISSGSTGYDRKVWEHLSHYYKVNAWLPRNYVIINKGIYE
GLSDDIRSALHKAADETGAACAAKSAELANWYFEQLEANGMKVEDAGPAFLKELKSIGAKMQADWLASVGADGQAIVDAY
KKM
;
_entity_poly.pdbx_strand_id   A
#
# COMPACT_ATOMS: atom_id res chain seq x y z
N PHE A 20 -12.42 27.66 -23.57
CA PHE A 20 -11.20 26.91 -23.31
C PHE A 20 -11.43 25.40 -23.30
N GLN A 21 -10.61 24.68 -24.06
CA GLN A 21 -10.77 23.24 -24.24
C GLN A 21 -9.90 22.48 -23.25
N SER A 22 -10.51 21.54 -22.54
CA SER A 22 -9.75 20.73 -21.57
C SER A 22 -10.28 19.31 -21.51
N MET A 23 -9.35 18.37 -21.35
CA MET A 23 -9.71 16.99 -21.06
C MET A 23 -10.05 16.85 -19.58
N LYS A 24 -11.08 16.07 -19.28
CA LYS A 24 -11.49 15.83 -17.90
C LYS A 24 -11.42 14.34 -17.59
N TRP A 25 -10.66 14.00 -16.56
CA TRP A 25 -10.44 12.61 -16.17
C TRP A 25 -10.89 12.39 -14.73
N ASP A 26 -11.50 11.25 -14.49
CA ASP A 26 -11.83 10.81 -13.13
C ASP A 26 -10.76 9.85 -12.64
N MET A 27 -10.31 10.04 -11.40
CA MET A 27 -9.22 9.26 -10.82
C MET A 27 -9.71 8.58 -9.55
N PRO A 28 -10.12 7.31 -9.61
CA PRO A 28 -10.54 6.62 -8.39
C PRO A 28 -9.38 6.34 -7.46
N MET A 29 -9.64 6.45 -6.16
CA MET A 29 -8.68 6.12 -5.11
C MET A 29 -9.46 5.43 -3.99
N ALA A 30 -8.77 4.60 -3.21
CA ALA A 30 -9.45 3.72 -2.25
C ALA A 30 -9.52 4.24 -0.82
N TYR A 31 -8.65 5.17 -0.43
CA TYR A 31 -8.48 5.52 0.98
C TYR A 31 -9.25 6.78 1.34
N ALA A 32 -9.39 7.02 2.65
CA ALA A 32 -10.21 8.11 3.14
C ALA A 32 -9.81 9.43 2.51
N ALA A 33 -10.81 10.30 2.31
CA ALA A 33 -10.55 11.59 1.67
C ALA A 33 -9.48 12.38 2.42
N THR A 34 -9.38 12.21 3.74
CA THR A 34 -8.40 12.94 4.53
C THR A 34 -7.12 12.15 4.80
N ASN A 35 -7.02 10.92 4.28
CA ASN A 35 -5.74 10.24 4.32
C ASN A 35 -4.73 10.96 3.43
N PHE A 36 -3.46 10.92 3.83
CA PHE A 36 -2.44 11.68 3.10
C PHE A 36 -2.30 11.24 1.64
N HIS A 37 -2.46 9.95 1.33
CA HIS A 37 -2.39 9.54 -0.06
C HIS A 37 -3.47 10.22 -0.88
N SER A 38 -4.70 10.24 -0.36
CA SER A 38 -5.81 10.86 -1.09
C SER A 38 -5.57 12.35 -1.25
N GLU A 39 -5.13 13.01 -0.18
CA GLU A 39 -4.83 14.43 -0.27
C GLU A 39 -3.75 14.71 -1.31
N HIS A 40 -2.77 13.79 -1.44
CA HIS A 40 -1.75 13.98 -2.46
C HIS A 40 -2.25 13.70 -3.86
N GLY A 41 -3.33 12.91 -4.00
CA GLY A 41 -3.96 12.80 -5.29
C GLY A 41 -4.51 14.13 -5.76
N VAL A 42 -5.03 14.93 -4.82
CA VAL A 42 -5.54 16.25 -5.19
C VAL A 42 -4.38 17.19 -5.50
N ILE A 43 -3.30 17.11 -4.72
CA ILE A 43 -2.09 17.88 -5.02
C ILE A 43 -1.59 17.55 -6.42
N PHE A 44 -1.56 16.26 -6.75
CA PHE A 44 -1.17 15.82 -8.08
C PHE A 44 -2.07 16.43 -9.14
N ALA A 45 -3.40 16.38 -8.93
CA ALA A 45 -4.33 16.94 -9.90
C ALA A 45 -4.12 18.45 -10.06
N ASP A 46 -3.87 19.16 -8.97
CA ASP A 46 -3.62 20.60 -9.05
C ASP A 46 -2.36 20.88 -9.85
N LYS A 47 -1.30 20.10 -9.62
CA LYS A 47 -0.06 20.28 -10.35
C LYS A 47 -0.26 19.97 -11.83
N VAL A 48 -0.98 18.90 -12.14
CA VAL A 48 -1.24 18.58 -13.55
C VAL A 48 -2.02 19.70 -14.23
N LYS A 49 -3.04 20.23 -13.55
CA LYS A 49 -3.80 21.34 -14.13
C LYS A 49 -2.91 22.55 -14.40
N ALA A 50 -2.04 22.88 -13.43
CA ALA A 50 -1.13 24.01 -13.62
C ALA A 50 -0.14 23.76 -14.76
N TYR A 51 0.49 22.58 -14.76
CA TYR A 51 1.59 22.34 -15.69
C TYR A 51 1.13 22.03 -17.10
N THR A 52 -0.15 21.71 -17.30
CA THR A 52 -0.73 21.59 -18.63
C THR A 52 -1.46 22.85 -19.07
N GLY A 53 -1.33 23.95 -18.32
CA GLY A 53 -2.04 25.16 -18.70
C GLY A 53 -3.54 24.99 -18.70
N GLY A 54 -4.07 24.09 -17.86
CA GLY A 54 -5.48 23.84 -17.80
C GLY A 54 -6.00 22.80 -18.76
N LYS A 55 -5.14 22.23 -19.62
CA LYS A 55 -5.61 21.33 -20.66
C LYS A 55 -6.07 19.98 -20.11
N LEU A 56 -5.59 19.58 -18.93
CA LEU A 56 -5.98 18.32 -18.32
C LEU A 56 -6.44 18.59 -16.90
N GLU A 57 -7.71 18.28 -16.62
CA GLU A 57 -8.30 18.48 -15.30
C GLU A 57 -8.68 17.12 -14.74
N ILE A 58 -7.98 16.70 -13.68
CA ILE A 58 -8.24 15.43 -13.02
C ILE A 58 -9.07 15.69 -11.76
N THR A 59 -10.11 14.88 -11.57
CA THR A 59 -10.91 14.91 -10.35
C THR A 59 -10.70 13.58 -9.65
N THR A 60 -10.22 13.62 -8.40
CA THR A 60 -10.07 12.39 -7.64
C THR A 60 -11.41 11.98 -7.01
N HIS A 61 -11.56 10.68 -6.81
CA HIS A 61 -12.73 10.10 -6.16
C HIS A 61 -12.21 9.15 -5.07
N PRO A 62 -11.91 9.67 -3.89
CA PRO A 62 -11.33 8.83 -2.84
C PRO A 62 -12.39 7.99 -2.14
N GLY A 63 -11.94 7.19 -1.17
CA GLY A 63 -12.83 6.37 -0.38
C GLY A 63 -13.52 5.25 -1.15
N GLY A 64 -13.02 4.92 -2.34
CA GLY A 64 -13.67 3.93 -3.16
C GLY A 64 -15.01 4.34 -3.71
N SER A 65 -15.27 5.65 -3.80
CA SER A 65 -16.62 6.14 -4.09
C SER A 65 -16.99 5.99 -5.56
N LEU A 66 -16.00 5.94 -6.46
CA LEU A 66 -16.27 5.75 -7.89
C LEU A 66 -16.03 4.30 -8.28
N PHE A 67 -14.80 3.83 -8.09
CA PHE A 67 -14.48 2.41 -8.13
C PHE A 67 -13.92 2.02 -6.79
N LYS A 68 -14.40 0.91 -6.25
CA LYS A 68 -13.85 0.41 -4.99
C LYS A 68 -12.43 -0.09 -5.23
N GLY A 69 -11.67 -0.23 -4.13
CA GLY A 69 -10.27 -0.60 -4.25
C GLY A 69 -10.03 -1.83 -5.09
N GLY A 70 -10.84 -2.88 -4.89
CA GLY A 70 -10.68 -4.11 -5.63
C GLY A 70 -11.01 -4.00 -7.11
N GLU A 71 -11.57 -2.86 -7.55
CA GLU A 71 -11.97 -2.63 -8.94
C GLU A 71 -11.03 -1.68 -9.69
N ILE A 72 -10.16 -0.96 -8.98
CA ILE A 72 -9.44 0.16 -9.60
C ILE A 72 -8.46 -0.33 -10.66
N LYS A 73 -7.68 -1.38 -10.35
CA LYS A 73 -6.71 -1.87 -11.32
C LYS A 73 -7.37 -2.23 -12.64
N ARG A 74 -8.44 -3.03 -12.60
CA ARG A 74 -9.11 -3.44 -13.82
C ARG A 74 -9.72 -2.23 -14.54
N ALA A 75 -10.27 -1.28 -13.78
CA ALA A 75 -10.84 -0.09 -14.40
C ALA A 75 -9.80 0.66 -15.21
N VAL A 76 -8.58 0.79 -14.68
CA VAL A 76 -7.53 1.49 -15.41
C VAL A 76 -7.01 0.65 -16.57
N GLN A 77 -6.86 -0.67 -16.36
CA GLN A 77 -6.40 -1.54 -17.44
C GLN A 77 -7.31 -1.49 -18.64
N THR A 78 -8.63 -1.45 -18.42
CA THR A 78 -9.59 -1.46 -19.51
C THR A 78 -9.92 -0.07 -20.01
N GLY A 79 -9.47 0.98 -19.33
CA GLY A 79 -9.80 2.33 -19.72
C GLY A 79 -11.13 2.85 -19.21
N GLN A 80 -11.86 2.07 -18.40
CA GLN A 80 -13.06 2.59 -17.76
C GLN A 80 -12.74 3.81 -16.92
N ALA A 81 -11.56 3.84 -16.31
CA ALA A 81 -10.94 5.05 -15.81
C ALA A 81 -9.57 5.19 -16.46
N PRO A 82 -9.16 6.41 -16.82
CA PRO A 82 -7.84 6.56 -17.47
C PRO A 82 -6.68 6.49 -16.51
N ILE A 83 -6.90 6.77 -15.23
CA ILE A 83 -5.86 6.91 -14.22
C ILE A 83 -6.50 6.57 -12.89
N GLY A 84 -5.70 6.11 -11.94
CA GLY A 84 -6.22 5.73 -10.65
C GLY A 84 -5.06 5.45 -9.71
N GLU A 85 -5.41 5.24 -8.44
CA GLU A 85 -4.43 4.82 -7.44
C GLU A 85 -4.79 3.43 -6.95
N ARG A 86 -3.80 2.53 -6.93
CA ARG A 86 -4.03 1.21 -6.35
C ARG A 86 -2.80 0.75 -5.58
N PHE A 87 -3.06 0.12 -4.42
CA PHE A 87 -2.11 -0.63 -3.61
C PHE A 87 -1.78 -1.92 -4.34
N MET A 88 -0.75 -1.90 -5.20
CA MET A 88 -0.61 -2.96 -6.20
C MET A 88 -0.23 -4.32 -5.61
N SER A 89 0.32 -4.38 -4.38
CA SER A 89 0.59 -5.70 -3.82
C SER A 89 -0.68 -6.50 -3.56
N ALA A 90 -1.85 -5.86 -3.58
CA ALA A 90 -3.11 -6.59 -3.58
C ALA A 90 -3.38 -7.31 -4.91
N HIS A 91 -2.44 -7.26 -5.85
CA HIS A 91 -2.54 -7.98 -7.10
C HIS A 91 -1.32 -8.87 -7.35
N ALA A 92 -0.59 -9.18 -6.28
CA ALA A 92 0.59 -10.02 -6.38
C ALA A 92 0.25 -11.46 -6.73
N ASN A 93 -0.98 -11.92 -6.49
CA ASN A 93 -1.34 -13.28 -6.92
C ASN A 93 -1.23 -13.40 -8.43
N GLU A 94 -1.63 -12.35 -9.15
CA GLU A 94 -1.50 -12.34 -10.60
C GLU A 94 -0.07 -12.08 -11.04
N ALA A 95 0.66 -11.23 -10.31
CA ALA A 95 2.00 -10.81 -10.70
C ALA A 95 2.87 -10.76 -9.45
N PRO A 96 3.54 -11.86 -9.12
CA PRO A 96 4.23 -11.94 -7.82
CA PRO A 96 4.23 -11.94 -7.82
C PRO A 96 5.30 -10.88 -7.62
N LEU A 97 5.88 -10.30 -8.68
CA LEU A 97 6.87 -9.25 -8.46
CA LEU A 97 6.85 -9.24 -8.49
C LEU A 97 6.28 -8.09 -7.68
N LEU A 98 4.97 -7.87 -7.76
CA LEU A 98 4.33 -6.81 -6.99
C LEU A 98 4.37 -7.05 -5.49
N GLY A 99 4.83 -8.21 -5.04
CA GLY A 99 5.00 -8.42 -3.62
C GLY A 99 6.29 -7.89 -3.03
N TRP A 100 7.12 -7.21 -3.83
CA TRP A 100 8.42 -6.75 -3.35
C TRP A 100 8.29 -5.88 -2.10
N ASP A 101 7.21 -5.12 -1.98
CA ASP A 101 7.08 -4.13 -0.92
C ASP A 101 6.40 -4.71 0.33
N ASN A 102 6.15 -6.03 0.36
CA ASN A 102 5.65 -6.71 1.54
C ASN A 102 6.64 -7.75 2.06
N LEU A 103 7.89 -7.68 1.63
CA LEU A 103 8.90 -8.59 2.13
C LEU A 103 9.24 -8.16 3.55
N PRO A 104 8.95 -8.96 4.57
CA PRO A 104 9.05 -8.46 5.95
C PRO A 104 10.49 -8.42 6.45
N PHE A 105 10.80 -7.37 7.22
CA PHE A 105 12.10 -7.17 7.88
C PHE A 105 13.25 -7.01 6.90
N LEU A 106 12.95 -6.66 5.64
CA LEU A 106 13.98 -6.40 4.66
C LEU A 106 14.31 -4.91 4.55
N ALA A 107 13.30 -4.05 4.50
CA ALA A 107 13.47 -2.60 4.42
C ALA A 107 12.42 -2.00 5.34
N THR A 108 12.87 -1.55 6.52
CA THR A 108 11.97 -1.16 7.59
C THR A 108 12.03 0.34 7.90
N SER A 109 12.70 1.12 7.06
CA SER A 109 12.73 2.57 7.17
C SER A 109 12.34 3.16 5.82
N TYR A 110 11.98 4.45 5.84
CA TYR A 110 11.70 5.13 4.59
C TYR A 110 12.93 5.13 3.68
N GLU A 111 14.10 5.39 4.24
CA GLU A 111 15.30 5.42 3.41
C GLU A 111 15.56 4.05 2.78
N ASP A 112 15.41 2.98 3.56
CA ASP A 112 15.65 1.66 3.00
C ASP A 112 14.59 1.25 2.00
N ASN A 113 13.33 1.67 2.22
CA ASN A 113 12.27 1.37 1.26
C ASN A 113 12.51 2.06 -0.08
N ASP A 114 13.07 3.28 -0.05
CA ASP A 114 13.45 3.95 -1.29
C ASP A 114 14.53 3.18 -2.03
N LYS A 115 15.51 2.63 -1.30
CA LYS A 115 16.55 1.82 -1.94
C LYS A 115 15.97 0.56 -2.53
N LEU A 116 15.04 -0.08 -1.82
CA LEU A 116 14.41 -1.30 -2.33
C LEU A 116 13.61 -1.00 -3.59
N TRP A 117 12.85 0.11 -3.59
CA TRP A 117 12.14 0.51 -4.80
C TRP A 117 13.11 0.76 -5.95
N ALA A 118 14.23 1.43 -5.66
CA ALA A 118 15.23 1.64 -6.71
C ALA A 118 15.72 0.31 -7.30
N ALA A 119 15.85 -0.73 -6.46
CA ALA A 119 16.30 -2.03 -6.96
C ALA A 119 15.21 -2.75 -7.75
N ALA A 120 13.93 -2.52 -7.42
CA ALA A 120 12.83 -3.25 -8.04
C ALA A 120 12.21 -2.52 -9.24
N LYS A 121 12.50 -1.22 -9.39
CA LYS A 121 11.74 -0.35 -10.29
C LYS A 121 11.71 -0.85 -11.73
N ASP A 122 12.86 -1.20 -12.30
CA ASP A 122 12.86 -1.58 -13.72
C ASP A 122 12.02 -2.83 -13.95
N LYS A 123 12.17 -3.83 -13.09
CA LYS A 123 11.41 -5.06 -13.24
C LYS A 123 9.92 -4.84 -12.98
N VAL A 124 9.58 -4.00 -12.01
CA VAL A 124 8.17 -3.70 -11.75
C VAL A 124 7.58 -2.92 -12.92
N ASN A 125 8.31 -1.93 -13.47
CA ASN A 125 7.81 -1.20 -14.62
C ASN A 125 7.55 -2.12 -15.80
N ALA A 126 8.44 -3.09 -16.04
CA ALA A 126 8.21 -4.04 -17.12
C ALA A 126 6.97 -4.90 -16.86
N GLN A 127 6.80 -5.35 -15.61
CA GLN A 127 5.62 -6.14 -15.28
C GLN A 127 4.34 -5.32 -15.44
N LEU A 128 4.38 -4.06 -15.02
CA LEU A 128 3.19 -3.22 -15.17
C LEU A 128 2.84 -3.01 -16.63
N ALA A 129 3.86 -2.86 -17.48
CA ALA A 129 3.58 -2.68 -18.91
C ALA A 129 2.86 -3.89 -19.48
N ASP A 130 3.24 -5.09 -19.03
CA ASP A 130 2.56 -6.31 -19.46
C ASP A 130 1.12 -6.37 -18.97
N LEU A 131 0.78 -5.60 -17.93
CA LEU A 131 -0.58 -5.51 -17.44
C LEU A 131 -1.32 -4.30 -18.01
N ASN A 132 -0.74 -3.64 -19.02
CA ASN A 132 -1.35 -2.48 -19.68
C ASN A 132 -1.37 -1.24 -18.78
N LEU A 133 -0.36 -1.09 -17.92
CA LEU A 133 -0.32 -0.02 -16.93
C LEU A 133 1.06 0.64 -16.91
N VAL A 134 1.06 1.93 -16.58
CA VAL A 134 2.26 2.70 -16.31
C VAL A 134 2.10 3.36 -14.94
N ALA A 135 3.09 3.19 -14.06
CA ALA A 135 3.06 3.84 -12.75
C ALA A 135 3.75 5.19 -12.87
N LEU A 136 3.01 6.25 -12.57
CA LEU A 136 3.56 7.59 -12.67
C LEU A 136 4.30 7.98 -11.39
N TYR A 137 3.77 7.61 -10.23
CA TYR A 137 4.48 7.75 -8.98
C TYR A 137 3.96 6.71 -8.00
N THR A 138 4.76 6.46 -6.98
CA THR A 138 4.40 5.54 -5.90
C THR A 138 4.74 6.21 -4.59
N CYS A 139 4.15 5.69 -3.50
CA CYS A 139 4.39 6.29 -2.21
CA CYS A 139 4.36 6.31 -2.19
C CYS A 139 4.22 5.24 -1.11
N PRO A 140 5.18 5.12 -0.20
CA PRO A 140 5.05 4.16 0.90
C PRO A 140 4.10 4.63 1.98
N TRP A 141 3.29 3.69 2.47
CA TRP A 141 2.64 3.84 3.75
C TRP A 141 3.69 3.74 4.88
N PRO A 142 3.36 4.21 6.08
CA PRO A 142 4.23 3.94 7.24
C PRO A 142 4.34 2.45 7.55
N GLY A 143 5.26 2.15 8.45
CA GLY A 143 5.57 0.77 8.79
C GLY A 143 4.37 -0.02 9.28
N GLN A 144 4.37 -1.30 8.92
CA GLN A 144 3.24 -2.17 9.22
C GLN A 144 3.39 -2.87 10.58
N GLY A 145 2.28 -2.91 11.32
CA GLY A 145 2.23 -3.55 12.62
C GLY A 145 0.90 -4.25 12.84
N PHE A 146 0.63 -4.73 14.06
CA PHE A 146 -0.49 -5.62 14.33
C PHE A 146 -1.49 -4.97 15.29
N TYR A 147 -2.75 -4.91 14.88
CA TYR A 147 -3.86 -4.51 15.75
C TYR A 147 -4.55 -5.74 16.32
N PHE A 148 -4.86 -5.70 17.61
CA PHE A 148 -5.60 -6.78 18.26
C PHE A 148 -6.62 -6.22 19.24
N LYS A 149 -7.52 -7.10 19.68
CA LYS A 149 -8.52 -6.81 20.71
C LYS A 149 -8.08 -7.26 22.08
N LYS A 150 -6.82 -7.64 22.24
CA LYS A 150 -6.30 -8.18 23.49
C LYS A 150 -4.80 -8.19 23.40
N GLU A 151 -4.16 -8.41 24.56
CA GLU A 151 -2.71 -8.51 24.61
C GLU A 151 -2.25 -9.77 23.89
N VAL A 152 -1.14 -9.65 23.16
CA VAL A 152 -0.54 -10.76 22.42
C VAL A 152 0.94 -10.81 22.76
N THR A 153 1.38 -11.92 23.35
CA THR A 153 2.80 -12.11 23.62
C THR A 153 3.44 -13.25 22.82
N SER A 154 2.64 -14.06 22.13
CA SER A 154 3.15 -15.14 21.29
C SER A 154 2.02 -15.63 20.42
N SER A 155 2.36 -16.51 19.46
CA SER A 155 1.34 -17.12 18.61
C SER A 155 0.38 -18.01 19.38
N ALA A 156 0.67 -18.37 20.63
CA ALA A 156 -0.34 -19.05 21.44
C ALA A 156 -1.58 -18.18 21.61
N ASP A 157 -1.41 -16.86 21.61
CA ASP A 157 -2.52 -15.94 21.83
C ASP A 157 -3.31 -15.67 20.55
N THR A 158 -2.77 -15.98 19.38
CA THR A 158 -3.41 -15.61 18.14
C THR A 158 -4.19 -16.74 17.48
N GLN A 159 -4.12 -17.97 18.01
CA GLN A 159 -4.79 -19.09 17.36
C GLN A 159 -6.28 -18.85 17.23
N GLY A 160 -6.78 -18.93 16.00
CA GLY A 160 -8.21 -18.88 15.72
C GLY A 160 -8.82 -17.49 15.70
N ILE A 161 -8.03 -16.44 15.84
CA ILE A 161 -8.58 -15.07 15.79
C ILE A 161 -8.94 -14.73 14.36
N LYS A 162 -10.13 -14.15 14.18
CA LYS A 162 -10.54 -13.67 12.86
C LYS A 162 -9.76 -12.42 12.48
N PHE A 163 -9.24 -12.41 11.25
CA PHE A 163 -8.24 -11.43 10.85
C PHE A 163 -8.66 -10.78 9.54
N ARG A 164 -8.45 -9.47 9.42
CA ARG A 164 -8.68 -8.74 8.17
C ARG A 164 -7.35 -8.60 7.45
N SER A 165 -7.25 -9.20 6.27
CA SER A 165 -6.10 -9.01 5.41
C SER A 165 -6.39 -7.91 4.40
N TYR A 166 -5.32 -7.38 3.81
CA TYR A 166 -5.44 -6.44 2.71
C TYR A 166 -4.79 -6.93 1.42
N ASN A 167 -4.16 -8.09 1.45
CA ASN A 167 -3.52 -8.70 0.30
C ASN A 167 -3.10 -10.11 0.68
N SER A 168 -2.45 -10.81 -0.25
CA SER A 168 -2.04 -12.18 0.00
CA SER A 168 -2.06 -12.18 0.02
C SER A 168 -0.96 -12.27 1.07
N ALA A 169 -0.06 -11.29 1.14
CA ALA A 169 1.03 -11.36 2.10
C ALA A 169 0.52 -11.28 3.54
N THR A 170 -0.42 -10.36 3.80
CA THR A 170 -0.98 -10.26 5.15
C THR A 170 -1.83 -11.48 5.49
N ALA A 171 -2.54 -12.04 4.50
CA ALA A 171 -3.28 -13.28 4.75
C ALA A 171 -2.33 -14.42 5.10
N THR A 172 -1.20 -14.49 4.41
CA THR A 172 -0.22 -15.53 4.70
C THR A 172 0.36 -15.38 6.09
N PHE A 173 0.77 -14.15 6.44
CA PHE A 173 1.28 -13.87 7.77
C PHE A 173 0.26 -14.29 8.82
N ALA A 174 -1.01 -13.96 8.60
CA ALA A 174 -2.06 -14.32 9.55
C ALA A 174 -2.17 -15.82 9.70
N LYS A 175 -2.16 -16.55 8.58
CA LYS A 175 -2.28 -18.00 8.64
C LYS A 175 -1.12 -18.63 9.37
N GLU A 176 0.09 -18.07 9.21
CA GLU A 176 1.24 -18.62 9.92
C GLU A 176 1.10 -18.43 11.44
N LEU A 177 0.36 -17.41 11.86
CA LEU A 177 0.04 -17.18 13.26
C LEU A 177 -1.23 -17.89 13.70
N GLY A 178 -1.81 -18.73 12.85
CA GLY A 178 -3.01 -19.46 13.18
C GLY A 178 -4.29 -18.65 13.15
N MET A 179 -4.24 -17.44 12.58
CA MET A 179 -5.42 -16.60 12.45
C MET A 179 -6.18 -16.96 11.17
N LEU A 180 -7.40 -16.43 11.07
CA LEU A 180 -8.37 -16.83 10.05
C LEU A 180 -8.66 -15.60 9.20
N PRO A 181 -7.95 -15.44 8.09
CA PRO A 181 -8.00 -14.16 7.37
C PRO A 181 -9.07 -14.10 6.29
N VAL A 182 -9.58 -12.89 6.13
CA VAL A 182 -10.45 -12.54 5.03
CA VAL A 182 -10.49 -12.53 5.05
C VAL A 182 -10.08 -11.13 4.58
N GLN A 183 -10.09 -10.92 3.26
CA GLN A 183 -9.66 -9.62 2.73
C GLN A 183 -10.80 -8.60 2.79
N VAL A 184 -10.50 -7.41 3.29
CA VAL A 184 -11.47 -6.32 3.36
C VAL A 184 -10.76 -5.04 2.96
N GLU A 185 -11.31 -4.31 1.99
CA GLU A 185 -10.74 -3.02 1.62
C GLU A 185 -10.90 -2.03 2.77
N ALA A 186 -9.98 -1.06 2.83
CA ALA A 186 -9.94 -0.12 3.96
C ALA A 186 -11.25 0.63 4.14
N ALA A 187 -11.92 1.00 3.03
CA ALA A 187 -13.17 1.75 3.12
C ALA A 187 -14.25 0.99 3.88
N GLU A 188 -14.14 -0.34 3.91
CA GLU A 188 -15.10 -1.21 4.58
C GLU A 188 -14.59 -1.73 5.92
N LEU A 189 -13.44 -1.23 6.39
CA LEU A 189 -12.80 -1.83 7.56
C LEU A 189 -13.56 -1.53 8.85
N SER A 190 -14.08 -0.31 9.02
CA SER A 190 -14.77 0.01 10.26
C SER A 190 -15.99 -0.87 10.44
N GLN A 191 -16.77 -1.07 9.37
CA GLN A 191 -17.97 -1.89 9.48
C GLN A 191 -17.60 -3.36 9.68
N ALA A 192 -16.50 -3.81 9.09
CA ALA A 192 -16.04 -5.18 9.32
C ALA A 192 -15.67 -5.40 10.79
N LEU A 193 -14.99 -4.42 11.41
CA LEU A 193 -14.68 -4.53 12.83
C LEU A 193 -15.93 -4.45 13.68
N ALA A 194 -16.86 -3.54 13.32
CA ALA A 194 -18.06 -3.32 14.12
C ALA A 194 -18.93 -4.57 14.15
N THR A 195 -18.94 -5.35 13.07
CA THR A 195 -19.80 -6.51 12.95
C THR A 195 -19.10 -7.82 13.30
N GLY A 196 -17.84 -7.75 13.70
CA GLY A 196 -17.12 -8.95 14.09
C GLY A 196 -16.60 -9.79 12.94
N VAL A 197 -16.48 -9.23 11.74
CA VAL A 197 -15.79 -9.93 10.66
C VAL A 197 -14.35 -10.20 11.07
N ALA A 198 -13.73 -9.27 11.78
CA ALA A 198 -12.35 -9.43 12.19
C ALA A 198 -12.14 -8.79 13.55
N GLU A 199 -11.17 -9.34 14.29
CA GLU A 199 -10.74 -8.80 15.57
C GLU A 199 -9.26 -8.48 15.57
N ALA A 200 -8.62 -8.53 14.40
CA ALA A 200 -7.19 -8.27 14.28
C ALA A 200 -6.90 -7.93 12.83
N PHE A 201 -5.83 -7.17 12.61
CA PHE A 201 -5.37 -6.87 11.26
C PHE A 201 -3.97 -6.29 11.33
N ILE A 202 -3.27 -6.35 10.20
CA ILE A 202 -2.00 -5.66 10.00
C ILE A 202 -2.28 -4.38 9.25
N SER A 203 -1.70 -3.28 9.71
CA SER A 203 -1.69 -2.04 8.95
C SER A 203 -0.77 -1.05 9.65
N SER A 204 -0.70 0.15 9.09
CA SER A 204 0.03 1.26 9.68
C SER A 204 -0.80 1.92 10.77
N GLY A 205 -0.16 2.82 11.53
CA GLY A 205 -0.94 3.69 12.39
C GLY A 205 -1.94 4.54 11.63
N SER A 206 -1.59 4.89 10.39
CA SER A 206 -2.42 5.78 9.55
C SER A 206 -3.84 5.24 9.40
N THR A 207 -3.97 3.98 8.98
CA THR A 207 -5.30 3.44 8.73
C THR A 207 -6.07 3.20 10.02
N GLY A 208 -5.39 2.80 11.10
CA GLY A 208 -6.08 2.72 12.38
C GLY A 208 -6.69 4.04 12.79
N TYR A 209 -5.98 5.15 12.51
CA TYR A 209 -6.51 6.47 12.82
C TYR A 209 -7.66 6.83 11.90
N ASP A 210 -7.46 6.67 10.58
CA ASP A 210 -8.48 7.07 9.61
C ASP A 210 -9.78 6.30 9.84
N ARG A 211 -9.69 5.06 10.31
CA ARG A 211 -10.89 4.26 10.51
C ARG A 211 -11.32 4.18 11.98
N LYS A 212 -10.72 5.01 12.84
CA LYS A 212 -11.11 5.12 14.25
C LYS A 212 -11.21 3.74 14.92
N VAL A 213 -10.20 2.91 14.68
CA VAL A 213 -10.29 1.51 15.10
C VAL A 213 -10.28 1.32 16.61
N TRP A 214 -9.94 2.37 17.37
CA TRP A 214 -10.03 2.32 18.82
C TRP A 214 -11.46 2.09 19.29
N GLU A 215 -12.45 2.34 18.42
CA GLU A 215 -13.82 2.02 18.79
C GLU A 215 -14.06 0.52 18.93
N HIS A 216 -13.14 -0.31 18.40
CA HIS A 216 -13.38 -1.74 18.32
C HIS A 216 -12.23 -2.57 18.87
N LEU A 217 -11.01 -2.01 18.85
CA LEU A 217 -9.80 -2.74 19.22
C LEU A 217 -9.01 -1.94 20.24
N SER A 218 -8.11 -2.64 20.93
CA SER A 218 -7.44 -2.11 22.10
C SER A 218 -5.93 -2.01 22.00
N HIS A 219 -5.28 -2.77 21.13
CA HIS A 219 -3.83 -2.90 21.12
C HIS A 219 -3.27 -2.73 19.72
N TYR A 220 -2.14 -2.03 19.63
CA TYR A 220 -1.34 -2.01 18.41
C TYR A 220 0.10 -2.32 18.77
N TYR A 221 0.69 -3.27 18.06
CA TYR A 221 2.10 -3.61 18.22
C TYR A 221 2.90 -3.02 17.05
N LYS A 222 3.81 -2.09 17.36
CA LYS A 222 4.60 -1.35 16.37
C LYS A 222 5.77 -2.20 15.91
N VAL A 223 5.59 -2.91 14.79
CA VAL A 223 6.64 -3.77 14.26
C VAL A 223 7.42 -3.09 13.15
N ASN A 224 6.77 -2.24 12.35
CA ASN A 224 7.40 -1.58 11.21
C ASN A 224 8.07 -2.59 10.28
N ALA A 225 7.35 -3.67 9.98
CA ALA A 225 7.94 -4.83 9.32
C ALA A 225 8.18 -4.58 7.84
N TRP A 226 7.36 -3.73 7.22
CA TRP A 226 7.57 -3.34 5.83
C TRP A 226 6.81 -2.05 5.60
N LEU A 227 7.09 -1.41 4.46
CA LEU A 227 6.43 -0.15 4.06
C LEU A 227 5.85 -0.35 2.67
N PRO A 228 4.62 -0.84 2.57
CA PRO A 228 4.06 -1.14 1.24
C PRO A 228 3.58 0.14 0.56
N ARG A 229 3.51 0.08 -0.76
CA ARG A 229 3.30 1.30 -1.53
C ARG A 229 1.95 1.35 -2.22
N ASN A 230 1.40 2.56 -2.33
CA ASN A 230 0.39 2.85 -3.32
C ASN A 230 1.06 3.26 -4.62
N TYR A 231 0.36 3.04 -5.73
CA TYR A 231 0.85 3.41 -7.04
C TYR A 231 -0.23 4.22 -7.75
N VAL A 232 0.15 5.33 -8.37
CA VAL A 232 -0.76 6.02 -9.28
C VAL A 232 -0.46 5.52 -10.67
N ILE A 233 -1.45 4.85 -11.26
CA ILE A 233 -1.29 4.10 -12.51
C ILE A 233 -2.15 4.73 -13.59
N ILE A 234 -1.63 4.77 -14.81
CA ILE A 234 -2.36 5.27 -15.96
C ILE A 234 -2.44 4.16 -17.01
N ASN A 235 -3.55 4.11 -17.74
CA ASN A 235 -3.73 3.13 -18.80
C ASN A 235 -2.62 3.30 -19.83
N LYS A 236 -1.98 2.19 -20.22
CA LYS A 236 -0.79 2.30 -21.06
C LYS A 236 -1.13 2.83 -22.45
N GLY A 237 -2.25 2.42 -23.03
CA GLY A 237 -2.66 2.95 -24.32
C GLY A 237 -2.93 4.45 -24.28
N ILE A 238 -3.61 4.90 -23.22
CA ILE A 238 -3.83 6.34 -23.08
CA ILE A 238 -3.84 6.34 -23.06
C ILE A 238 -2.51 7.08 -22.95
N TYR A 239 -1.62 6.56 -22.10
CA TYR A 239 -0.30 7.17 -21.90
C TYR A 239 0.47 7.26 -23.21
N GLU A 240 0.47 6.17 -24.00
CA GLU A 240 1.19 6.18 -25.26
C GLU A 240 0.60 7.19 -26.24
N GLY A 241 -0.71 7.43 -26.17
CA GLY A 241 -1.35 8.34 -27.11
C GLY A 241 -1.39 9.80 -26.70
N LEU A 242 -0.96 10.14 -25.50
CA LEU A 242 -1.01 11.53 -25.04
C LEU A 242 -0.13 12.42 -25.88
N SER A 243 -0.50 13.68 -25.96
CA SER A 243 0.40 14.69 -26.53
CA SER A 243 0.41 14.66 -26.55
C SER A 243 1.65 14.77 -25.67
N ASP A 244 2.79 15.06 -26.32
CA ASP A 244 4.07 15.03 -25.61
C ASP A 244 4.07 15.96 -24.41
N ASP A 245 3.52 17.16 -24.57
CA ASP A 245 3.57 18.11 -23.46
C ASP A 245 2.71 17.65 -22.28
N ILE A 246 1.54 17.06 -22.55
CA ILE A 246 0.69 16.57 -21.48
C ILE A 246 1.41 15.45 -20.72
N ARG A 247 2.06 14.55 -21.46
CA ARG A 247 2.73 13.42 -20.81
C ARG A 247 3.85 13.89 -19.90
N SER A 248 4.69 14.82 -20.37
CA SER A 248 5.77 15.32 -19.52
C SER A 248 5.23 16.09 -18.32
N ALA A 249 4.12 16.82 -18.50
CA ALA A 249 3.52 17.52 -17.36
C ALA A 249 3.00 16.53 -16.32
N LEU A 250 2.43 15.40 -16.76
CA LEU A 250 2.00 14.38 -15.81
C LEU A 250 3.19 13.86 -15.01
N HIS A 251 4.31 13.60 -15.68
CA HIS A 251 5.49 13.09 -14.99
C HIS A 251 6.09 14.13 -14.05
N LYS A 252 6.14 15.39 -14.47
CA LYS A 252 6.62 16.45 -13.60
C LYS A 252 5.77 16.53 -12.34
N ALA A 253 4.45 16.54 -12.51
CA ALA A 253 3.54 16.57 -11.37
C ALA A 253 3.74 15.33 -10.49
N ALA A 254 3.91 14.18 -11.13
CA ALA A 254 4.04 12.92 -10.37
C ALA A 254 5.32 12.91 -9.55
N ASP A 255 6.43 13.36 -10.12
CA ASP A 255 7.69 13.37 -9.37
C ASP A 255 7.57 14.27 -8.14
N GLU A 256 6.98 15.45 -8.31
CA GLU A 256 6.85 16.36 -7.18
C GLU A 256 5.90 15.80 -6.13
N THR A 257 4.79 15.21 -6.58
CA THR A 257 3.82 14.65 -5.64
C THR A 257 4.41 13.48 -4.88
N GLY A 258 5.12 12.58 -5.59
CA GLY A 258 5.71 11.44 -4.90
C GLY A 258 6.67 11.86 -3.80
N ALA A 259 7.47 12.90 -4.07
CA ALA A 259 8.37 13.41 -3.04
C ALA A 259 7.58 13.97 -1.87
N ALA A 260 6.54 14.78 -2.14
CA ALA A 260 5.76 15.40 -1.07
C ALA A 260 4.99 14.37 -0.26
N CYS A 261 4.41 13.37 -0.94
CA CYS A 261 3.63 12.34 -0.26
C CYS A 261 4.50 11.50 0.67
N ALA A 262 5.70 11.13 0.22
CA ALA A 262 6.58 10.32 1.08
C ALA A 262 7.06 11.13 2.28
N ALA A 263 7.29 12.44 2.11
CA ALA A 263 7.63 13.28 3.25
C ALA A 263 6.46 13.37 4.23
N LYS A 264 5.24 13.54 3.71
CA LYS A 264 4.07 13.61 4.59
C LYS A 264 3.85 12.30 5.32
N SER A 265 3.99 11.17 4.61
CA SER A 265 3.82 9.87 5.23
C SER A 265 4.76 9.72 6.42
N ALA A 266 6.04 10.08 6.24
CA ALA A 266 7.00 9.96 7.33
C ALA A 266 6.75 10.96 8.44
N GLU A 267 6.28 12.17 8.10
CA GLU A 267 6.00 13.16 9.13
C GLU A 267 4.84 12.72 10.02
N LEU A 268 3.86 12.01 9.46
CA LEU A 268 2.66 11.64 10.21
C LEU A 268 2.80 10.34 10.97
N ALA A 269 3.79 9.50 10.62
CA ALA A 269 3.84 8.12 11.10
C ALA A 269 3.70 8.03 12.61
N ASN A 270 4.55 8.76 13.35
CA ASN A 270 4.50 8.72 14.81
C ASN A 270 3.33 9.52 15.37
N TRP A 271 2.88 10.56 14.65
CA TRP A 271 1.71 11.32 15.09
C TRP A 271 0.49 10.42 15.17
N TYR A 272 0.31 9.54 14.19
CA TYR A 272 -0.80 8.59 14.23
C TYR A 272 -0.79 7.75 15.49
N PHE A 273 0.39 7.25 15.90
CA PHE A 273 0.49 6.44 17.10
C PHE A 273 0.03 7.22 18.33
N GLU A 274 0.44 8.48 18.43
CA GLU A 274 0.00 9.32 19.54
C GLU A 274 -1.51 9.49 19.55
N GLN A 275 -2.14 9.55 18.37
CA GLN A 275 -3.59 9.65 18.30
C GLN A 275 -4.25 8.37 18.77
N LEU A 276 -3.70 7.21 18.39
CA LEU A 276 -4.22 5.94 18.88
C LEU A 276 -4.16 5.89 20.40
N GLU A 277 -3.04 6.34 20.98
CA GLU A 277 -2.91 6.35 22.44
CA GLU A 277 -2.91 6.35 22.44
C GLU A 277 -3.90 7.32 23.08
N ALA A 278 -4.06 8.50 22.48
CA ALA A 278 -4.97 9.49 23.03
C ALA A 278 -6.40 8.97 23.07
N ASN A 279 -6.74 8.03 22.19
CA ASN A 279 -8.08 7.44 22.16
C ASN A 279 -8.18 6.13 22.94
N GLY A 280 -7.18 5.83 23.78
CA GLY A 280 -7.28 4.73 24.72
C GLY A 280 -6.59 3.44 24.34
N MET A 281 -5.93 3.39 23.18
CA MET A 281 -5.27 2.15 22.78
C MET A 281 -3.91 2.02 23.43
N LYS A 282 -3.48 0.76 23.60
CA LYS A 282 -2.13 0.45 24.07
C LYS A 282 -1.26 0.26 22.85
N VAL A 283 -0.26 1.13 22.69
CA VAL A 283 0.60 1.15 21.53
C VAL A 283 2.02 0.85 22.01
N GLU A 284 2.52 -0.35 21.69
CA GLU A 284 3.81 -0.80 22.19
C GLU A 284 4.53 -1.59 21.12
N ASP A 285 5.84 -1.77 21.32
CA ASP A 285 6.60 -2.67 20.47
C ASP A 285 6.18 -4.11 20.74
N ALA A 286 6.28 -4.95 19.71
CA ALA A 286 6.09 -6.37 19.90
C ALA A 286 7.13 -6.89 20.90
N GLY A 287 6.70 -7.80 21.77
CA GLY A 287 7.59 -8.38 22.76
C GLY A 287 8.65 -9.25 22.12
N PRO A 288 9.70 -9.59 22.88
CA PRO A 288 10.80 -10.37 22.28
C PRO A 288 10.37 -11.72 21.73
N ALA A 289 9.58 -12.49 22.48
CA ALA A 289 9.12 -13.78 21.99
C ALA A 289 8.26 -13.61 20.74
N PHE A 290 7.33 -12.65 20.78
CA PHE A 290 6.46 -12.41 19.64
C PHE A 290 7.27 -11.95 18.43
N LEU A 291 8.21 -11.02 18.65
CA LEU A 291 9.03 -10.52 17.54
C LEU A 291 9.86 -11.63 16.90
N LYS A 292 10.39 -12.56 17.71
CA LYS A 292 11.16 -13.65 17.15
C LYS A 292 10.31 -14.52 16.23
N GLU A 293 9.07 -14.81 16.63
CA GLU A 293 8.16 -15.54 15.75
C GLU A 293 7.90 -14.77 14.46
N LEU A 294 7.63 -13.48 14.58
CA LEU A 294 7.35 -12.66 13.39
C LEU A 294 8.53 -12.66 12.44
N LYS A 295 9.76 -12.60 12.96
CA LYS A 295 10.93 -12.61 12.10
C LYS A 295 11.12 -13.95 11.43
N SER A 296 10.80 -15.05 12.13
CA SER A 296 10.89 -16.37 11.53
CA SER A 296 10.90 -16.36 11.52
C SER A 296 9.89 -16.52 10.40
N ILE A 297 8.64 -16.10 10.63
CA ILE A 297 7.64 -16.12 9.58
C ILE A 297 8.07 -15.25 8.41
N GLY A 298 8.60 -14.06 8.71
CA GLY A 298 9.02 -13.16 7.65
C GLY A 298 10.10 -13.77 6.76
N ALA A 299 11.05 -14.51 7.37
CA ALA A 299 12.08 -15.17 6.58
C ALA A 299 11.47 -16.23 5.67
N LYS A 300 10.48 -16.98 6.18
CA LYS A 300 9.82 -17.96 5.33
C LYS A 300 9.08 -17.27 4.18
N MET A 301 8.42 -16.16 4.46
CA MET A 301 7.70 -15.45 3.41
C MET A 301 8.65 -14.89 2.36
N GLN A 302 9.81 -14.39 2.79
CA GLN A 302 10.79 -13.90 1.80
C GLN A 302 11.33 -15.05 0.96
N ALA A 303 11.57 -16.21 1.57
CA ALA A 303 12.00 -17.37 0.80
C ALA A 303 10.94 -17.80 -0.20
N ASP A 304 9.67 -17.80 0.20
CA ASP A 304 8.60 -18.19 -0.72
C ASP A 304 8.50 -17.20 -1.88
N TRP A 305 8.64 -15.91 -1.59
CA TRP A 305 8.61 -14.91 -2.66
C TRP A 305 9.74 -15.13 -3.65
N LEU A 306 10.95 -15.34 -3.14
CA LEU A 306 12.09 -15.59 -4.02
C LEU A 306 11.88 -16.83 -4.89
N ALA A 307 11.27 -17.87 -4.34
CA ALA A 307 11.01 -19.07 -5.15
C ALA A 307 9.97 -18.77 -6.23
N SER A 308 8.98 -17.93 -5.92
CA SER A 308 7.94 -17.65 -6.91
CA SER A 308 7.94 -17.65 -6.91
CA SER A 308 7.93 -17.64 -6.91
C SER A 308 8.46 -16.75 -8.04
N VAL A 309 9.32 -15.79 -7.71
CA VAL A 309 9.80 -14.86 -8.73
C VAL A 309 11.10 -15.29 -9.39
N GLY A 310 11.86 -16.18 -8.75
CA GLY A 310 13.07 -16.71 -9.37
C GLY A 310 14.24 -15.74 -9.38
N ALA A 311 15.05 -15.85 -10.43
CA ALA A 311 16.26 -15.04 -10.57
C ALA A 311 15.98 -13.54 -10.42
N ASP A 312 14.86 -13.07 -10.96
CA ASP A 312 14.54 -11.65 -10.84
C ASP A 312 14.51 -11.21 -9.38
N GLY A 313 13.97 -12.05 -8.51
CA GLY A 313 13.91 -11.70 -7.09
C GLY A 313 15.28 -11.68 -6.45
N GLN A 314 16.13 -12.64 -6.81
CA GLN A 314 17.50 -12.64 -6.30
C GLN A 314 18.23 -11.37 -6.72
N ALA A 315 18.01 -10.95 -7.97
CA ALA A 315 18.65 -9.73 -8.47
C ALA A 315 18.18 -8.50 -7.69
N ILE A 316 16.87 -8.41 -7.41
CA ILE A 316 16.36 -7.26 -6.67
C ILE A 316 16.97 -7.19 -5.27
N VAL A 317 16.93 -8.31 -4.55
CA VAL A 317 17.40 -8.26 -3.16
C VAL A 317 18.89 -7.96 -3.12
N ASP A 318 19.66 -8.54 -4.05
CA ASP A 318 21.09 -8.27 -4.11
C ASP A 318 21.37 -6.81 -4.45
N ALA A 319 20.66 -6.25 -5.43
CA ALA A 319 20.88 -4.86 -5.77
C ALA A 319 20.57 -3.96 -4.59
N TYR A 320 19.50 -4.28 -3.85
CA TYR A 320 19.15 -3.54 -2.66
C TYR A 320 20.26 -3.60 -1.62
N LYS A 321 20.78 -4.81 -1.35
CA LYS A 321 21.78 -4.94 -0.30
C LYS A 321 23.10 -4.24 -0.63
N LYS A 322 23.38 -4.01 -1.92
CA LYS A 322 24.59 -3.27 -2.32
C LYS A 322 24.46 -1.77 -2.14
N MET A 323 23.26 -1.26 -1.90
CA MET A 323 23.05 0.18 -1.77
C MET A 323 23.28 0.63 -0.33
#